data_1CY8
#
_entry.id   1CY8
#
_cell.length_a   63.610
_cell.length_b   79.270
_cell.length_c   141.510
_cell.angle_alpha   90.00
_cell.angle_beta   90.00
_cell.angle_gamma   90.00
#
_symmetry.space_group_name_H-M   'P 21 21 21'
#
loop_
_entity.id
_entity.type
_entity.pdbx_description
1 polymer 'DNA TOPOISOMERASE I'
2 non-polymer 'PHOSPHATE ION'
3 non-polymer "THYMIDINE-3'-PHOSPHATE"
4 non-polymer "THYMIDINE-5'-PHOSPHATE"
5 water water
#
_entity_poly.entity_id   1
_entity_poly.type   'polypeptide(L)'
_entity_poly.pdbx_seq_one_letter_code
;GSMGKALVIVESPAKAKTINKYLGSDYVVKSSVGHIRDLPTSGSAAKKSADSTSTKTAKKPKKDERGALVNRMGVDPWHN
WEAHYEVLPGKEKVVSELKQLAEKADHIYLATDLDREGEAIAWHLREVIGGDDARYSRVVFNEITKNAIRQAFNKPGELN
IDRVNAQQARRFMDRVVGYMVSPLLWKKIARGLSAGRVQSVAVRLVVEREREIKAFVPEEFWEVDASTTTPSGEALALQV
THQNDKPFRPVNKEQTQAAVSLLEKARYSVLEREDKPTTSKPGAPFITSTLQQAASTRLGFGVKKTMMMAQRLYEAGYIT
YMRTDSTNLSQDAVNMVRGYISDNFGKKYLPESPNQYASKENSQEAHEAIRPSDVNVMAESLKDMEADAQKLYQLIWRQF
VACQMTPAKYDSTTLTVGAGDFRLKARGRILRFDGWTKVMPALRKGDEDRILPAVNKGDALTLVELTPAQHFTKPPARFS
EASLVKELEKRGIGRPSTYASIISTIQDRGYVRVENRRFYAEKMGEIVTDRLEENFRELMNYDFTAQMENSLDQVANHEA
EWKAVLDHFFSDFTQQLDKAEKDPEEGGMRPNQMVLTSI
;
_entity_poly.pdbx_strand_id   A
#
# COMPACT_ATOMS: atom_id res chain seq x y z
N GLY A 4 44.44 6.25 3.34
CA GLY A 4 44.69 6.35 1.87
C GLY A 4 43.40 6.49 1.09
N LYS A 5 42.64 5.40 1.00
CA LYS A 5 41.38 5.41 0.27
C LYS A 5 40.19 5.50 1.20
N ALA A 6 39.00 5.51 0.63
CA ALA A 6 37.77 5.60 1.41
C ALA A 6 36.99 4.29 1.39
N LEU A 7 36.42 3.93 2.52
CA LEU A 7 35.63 2.71 2.61
C LEU A 7 34.16 3.10 2.52
N VAL A 8 33.38 2.34 1.76
CA VAL A 8 31.96 2.58 1.59
C VAL A 8 31.24 1.29 1.94
N ILE A 9 30.24 1.37 2.82
CA ILE A 9 29.50 0.20 3.24
C ILE A 9 28.01 0.25 2.87
N VAL A 10 27.55 -0.80 2.19
CA VAL A 10 26.15 -0.93 1.81
C VAL A 10 25.70 -2.26 2.42
N GLU A 11 24.40 -2.53 2.39
CA GLU A 11 23.91 -3.75 3.00
C GLU A 11 23.85 -5.03 2.16
N SER A 12 24.08 -4.94 0.85
CA SER A 12 24.04 -6.16 0.05
C SER A 12 24.96 -6.21 -1.18
N PRO A 13 25.31 -7.43 -1.61
CA PRO A 13 26.18 -7.63 -2.78
C PRO A 13 25.61 -6.98 -4.03
N ALA A 14 24.32 -7.19 -4.26
CA ALA A 14 23.68 -6.61 -5.44
C ALA A 14 23.85 -5.10 -5.41
N LYS A 15 23.64 -4.51 -4.23
CA LYS A 15 23.77 -3.06 -4.08
C LYS A 15 25.22 -2.59 -4.21
N ALA A 16 26.16 -3.38 -3.69
CA ALA A 16 27.58 -3.03 -3.76
C ALA A 16 28.05 -2.97 -5.21
N LYS A 17 27.60 -3.93 -6.02
CA LYS A 17 27.96 -3.98 -7.43
C LYS A 17 27.48 -2.74 -8.16
N THR A 18 26.18 -2.48 -8.08
CA THR A 18 25.59 -1.32 -8.74
C THR A 18 26.24 0.01 -8.36
N ILE A 19 26.35 0.29 -7.06
CA ILE A 19 26.92 1.54 -6.61
C ILE A 19 28.40 1.70 -6.92
N ASN A 20 29.08 0.58 -7.15
CA ASN A 20 30.51 0.59 -7.46
C ASN A 20 30.81 1.11 -8.86
N LYS A 21 29.79 1.10 -9.73
CA LYS A 21 29.98 1.59 -11.09
C LYS A 21 30.04 3.11 -11.09
N TYR A 22 29.59 3.71 -10.00
CA TYR A 22 29.55 5.17 -9.93
C TYR A 22 30.52 5.75 -8.92
N LEU A 23 31.38 4.91 -8.37
CA LEU A 23 32.37 5.37 -7.39
C LEU A 23 33.80 5.13 -7.88
N GLY A 24 34.56 6.22 -7.92
CA GLY A 24 35.94 6.15 -8.38
C GLY A 24 36.84 5.21 -7.60
N SER A 25 38.10 5.16 -8.02
CA SER A 25 39.12 4.31 -7.39
C SER A 25 39.44 4.70 -5.94
N ASP A 26 39.05 5.90 -5.55
CA ASP A 26 39.29 6.37 -4.19
C ASP A 26 38.44 5.57 -3.20
N TYR A 27 37.28 5.12 -3.67
CA TYR A 27 36.33 4.37 -2.86
C TYR A 27 36.45 2.86 -3.01
N VAL A 28 36.20 2.17 -1.91
CA VAL A 28 36.22 0.71 -1.88
C VAL A 28 34.89 0.32 -1.28
N VAL A 29 34.03 -0.31 -2.09
CA VAL A 29 32.72 -0.72 -1.61
C VAL A 29 32.75 -2.10 -0.99
N LYS A 30 31.97 -2.27 0.08
CA LYS A 30 31.88 -3.54 0.76
C LYS A 30 30.50 -3.68 1.41
N SER A 31 29.82 -4.77 1.08
CA SER A 31 28.49 -5.03 1.61
C SER A 31 28.62 -5.80 2.91
N SER A 32 27.88 -5.37 3.92
CA SER A 32 27.92 -6.05 5.22
C SER A 32 27.26 -7.41 5.05
N VAL A 33 26.51 -7.57 3.96
CA VAL A 33 25.83 -8.82 3.64
C VAL A 33 24.88 -9.25 4.77
N GLY A 34 24.12 -8.31 5.31
CA GLY A 34 23.20 -8.65 6.38
C GLY A 34 23.03 -7.59 7.44
N HIS A 35 22.42 -7.96 8.55
CA HIS A 35 22.18 -7.03 9.65
C HIS A 35 23.33 -6.89 10.66
N ILE A 36 24.26 -7.84 10.64
CA ILE A 36 25.42 -7.82 11.55
C ILE A 36 25.07 -7.96 13.02
N ARG A 37 24.51 -6.90 13.62
CA ARG A 37 24.16 -6.93 15.03
C ARG A 37 22.66 -6.71 15.23
N ASP A 38 22.09 -7.32 16.26
CA ASP A 38 20.66 -7.17 16.52
C ASP A 38 20.24 -7.81 17.86
N LEU A 39 18.94 -7.81 18.13
CA LEU A 39 18.39 -8.39 19.35
C LEU A 39 18.25 -9.91 19.25
N PRO A 40 18.39 -10.62 20.38
CA PRO A 40 18.28 -12.08 20.38
C PRO A 40 16.89 -12.55 19.96
N ASP A 64 9.29 -4.36 38.81
CA ASP A 64 8.39 -5.44 38.43
C ASP A 64 9.01 -6.23 37.26
N GLU A 65 10.30 -6.51 37.36
CA GLU A 65 11.07 -7.22 36.33
C GLU A 65 10.89 -8.73 36.19
N ARG A 66 11.99 -9.39 35.86
CA ARG A 66 12.13 -10.83 35.67
C ARG A 66 13.28 -11.02 34.69
N GLY A 67 14.47 -11.30 35.21
CA GLY A 67 15.62 -11.50 34.37
C GLY A 67 15.33 -12.44 33.22
N ALA A 68 14.45 -13.40 33.46
CA ALA A 68 14.08 -14.38 32.45
C ALA A 68 13.64 -13.70 31.16
N LEU A 69 12.64 -12.83 31.28
CA LEU A 69 12.09 -12.09 30.15
C LEU A 69 13.14 -11.22 29.49
N VAL A 70 13.72 -10.30 30.26
CA VAL A 70 14.73 -9.38 29.76
C VAL A 70 15.75 -10.05 28.85
N ASN A 71 16.23 -11.21 29.26
CA ASN A 71 17.21 -11.96 28.49
C ASN A 71 16.68 -12.40 27.13
N ARG A 72 15.49 -12.98 27.11
CA ARG A 72 14.89 -13.42 25.85
C ARG A 72 14.62 -12.23 24.94
N MET A 73 14.14 -11.14 25.53
CA MET A 73 13.82 -9.93 24.76
C MET A 73 15.08 -9.19 24.30
N GLY A 74 16.07 -9.12 25.17
CA GLY A 74 17.28 -8.41 24.83
C GLY A 74 17.10 -6.92 25.08
N VAL A 75 16.00 -6.58 25.74
CA VAL A 75 15.71 -5.18 26.06
C VAL A 75 15.18 -5.20 27.49
N ASP A 76 15.47 -4.17 28.27
CA ASP A 76 15.05 -4.11 29.67
C ASP A 76 14.17 -2.91 30.04
N PRO A 77 12.84 -3.10 30.01
CA PRO A 77 11.85 -2.07 30.33
C PRO A 77 11.96 -1.51 31.74
N TRP A 78 12.63 -2.24 32.62
CA TRP A 78 12.74 -1.82 34.00
C TRP A 78 14.06 -1.14 34.36
N HIS A 79 15.02 -1.16 33.44
CA HIS A 79 16.30 -0.52 33.64
C HIS A 79 16.48 0.44 32.46
N ASN A 80 15.60 1.44 32.44
CA ASN A 80 15.57 2.46 31.39
C ASN A 80 15.82 1.96 29.97
N TRP A 81 15.35 0.76 29.66
CA TRP A 81 15.49 0.22 28.31
C TRP A 81 16.89 -0.07 27.78
N GLU A 82 17.79 -0.53 28.64
CA GLU A 82 19.11 -0.84 28.12
C GLU A 82 18.93 -2.14 27.35
N ALA A 83 19.68 -2.27 26.27
CA ALA A 83 19.56 -3.44 25.42
C ALA A 83 20.83 -4.25 25.31
N HIS A 84 20.68 -5.46 24.77
CA HIS A 84 21.80 -6.37 24.59
C HIS A 84 21.78 -6.89 23.15
N TYR A 85 22.48 -6.19 22.27
CA TYR A 85 22.57 -6.58 20.87
C TYR A 85 23.71 -7.59 20.76
N GLU A 86 23.55 -8.56 19.87
CA GLU A 86 24.57 -9.59 19.69
C GLU A 86 24.86 -9.77 18.20
N VAL A 87 26.11 -10.04 17.87
CA VAL A 87 26.49 -10.26 16.48
C VAL A 87 25.77 -11.52 15.99
N LEU A 88 25.32 -11.51 14.74
CA LEU A 88 24.60 -12.64 14.18
C LEU A 88 25.52 -13.82 13.89
N PRO A 89 24.96 -15.04 13.82
CA PRO A 89 25.77 -16.22 13.54
C PRO A 89 26.52 -16.14 12.21
N GLY A 90 27.75 -16.62 12.20
CA GLY A 90 28.55 -16.58 10.99
C GLY A 90 28.82 -15.19 10.50
N LYS A 91 28.52 -14.19 11.34
CA LYS A 91 28.74 -12.80 10.97
C LYS A 91 29.99 -12.24 11.62
N GLU A 92 30.69 -13.08 12.38
CA GLU A 92 31.90 -12.64 13.05
C GLU A 92 33.03 -12.43 12.06
N LYS A 93 33.03 -13.20 10.98
CA LYS A 93 34.07 -13.05 9.97
C LYS A 93 33.86 -11.73 9.26
N VAL A 94 32.60 -11.40 9.04
CA VAL A 94 32.23 -10.15 8.36
C VAL A 94 32.65 -8.96 9.21
N VAL A 95 32.41 -9.04 10.51
CA VAL A 95 32.76 -7.96 11.44
C VAL A 95 34.26 -7.69 11.34
N SER A 96 35.04 -8.74 11.62
CA SER A 96 36.49 -8.64 11.58
C SER A 96 37.00 -8.21 10.20
N GLU A 97 36.28 -8.61 9.15
CA GLU A 97 36.70 -8.26 7.80
C GLU A 97 36.50 -6.78 7.52
N LEU A 98 35.57 -6.16 8.25
CA LEU A 98 35.30 -4.73 8.07
C LEU A 98 36.29 -3.88 8.86
N LYS A 99 36.49 -4.24 10.11
CA LYS A 99 37.42 -3.52 10.99
C LYS A 99 38.75 -3.23 10.32
N GLN A 100 39.41 -4.28 9.82
CA GLN A 100 40.71 -4.13 9.18
C GLN A 100 40.62 -3.27 7.92
N LEU A 101 39.50 -3.35 7.21
CA LEU A 101 39.34 -2.55 6.01
C LEU A 101 39.13 -1.09 6.43
N ALA A 102 38.66 -0.92 7.67
CA ALA A 102 38.41 0.41 8.20
C ALA A 102 39.70 1.15 8.55
N GLU A 103 40.70 0.42 9.01
CA GLU A 103 41.97 1.04 9.37
C GLU A 103 42.78 1.47 8.15
N LYS A 104 42.58 0.79 7.03
CA LYS A 104 43.30 1.14 5.80
C LYS A 104 42.56 2.23 5.02
N ALA A 105 41.47 2.73 5.59
CA ALA A 105 40.68 3.78 4.93
C ALA A 105 40.70 5.03 5.81
N ASP A 106 40.68 6.19 5.18
CA ASP A 106 40.68 7.45 5.92
C ASP A 106 39.30 7.88 6.38
N HIS A 107 38.28 7.57 5.59
CA HIS A 107 36.93 7.92 5.94
C HIS A 107 36.00 6.75 5.67
N ILE A 108 34.89 6.70 6.41
CA ILE A 108 33.93 5.62 6.26
C ILE A 108 32.55 6.16 5.95
N TYR A 109 32.02 5.76 4.80
CA TYR A 109 30.70 6.19 4.35
C TYR A 109 29.68 5.07 4.50
N LEU A 110 28.61 5.37 5.23
CA LEU A 110 27.54 4.41 5.45
C LEU A 110 26.46 4.74 4.42
N ALA A 111 26.35 3.88 3.41
CA ALA A 111 25.38 4.11 2.35
C ALA A 111 24.25 3.09 2.40
N THR A 112 23.68 2.93 3.59
CA THR A 112 22.56 2.04 3.80
C THR A 112 21.36 2.73 3.18
N ASP A 113 20.22 2.04 3.06
CA ASP A 113 19.04 2.67 2.49
C ASP A 113 18.56 3.83 3.35
N LEU A 114 17.93 4.81 2.71
CA LEU A 114 17.46 6.04 3.37
C LEU A 114 16.41 5.96 4.49
N ASP A 115 15.76 4.82 4.67
CA ASP A 115 14.73 4.74 5.70
C ASP A 115 15.27 4.55 7.12
N ARG A 116 14.39 4.70 8.10
CA ARG A 116 14.79 4.54 9.50
C ARG A 116 15.54 3.25 9.77
N GLU A 117 14.99 2.15 9.31
CA GLU A 117 15.63 0.86 9.49
C GLU A 117 17.07 0.96 8.95
N GLY A 118 17.23 1.67 7.84
CA GLY A 118 18.55 1.83 7.23
C GLY A 118 19.47 2.70 8.07
N GLU A 119 18.89 3.60 8.85
CA GLU A 119 19.65 4.48 9.74
C GLU A 119 20.14 3.68 10.94
N ALA A 120 19.33 2.72 11.36
CA ALA A 120 19.69 1.88 12.50
C ALA A 120 20.82 0.94 12.14
N ILE A 121 20.74 0.37 10.95
CA ILE A 121 21.75 -0.56 10.48
C ILE A 121 23.09 0.15 10.37
N ALA A 122 23.05 1.40 9.91
CA ALA A 122 24.24 2.20 9.79
C ALA A 122 24.81 2.41 11.19
N TRP A 123 23.92 2.66 12.13
CA TRP A 123 24.33 2.86 13.52
C TRP A 123 25.06 1.65 14.04
N HIS A 124 24.51 0.46 13.77
CA HIS A 124 25.14 -0.79 14.22
C HIS A 124 26.51 -1.00 13.59
N LEU A 125 26.65 -0.63 12.32
CA LEU A 125 27.94 -0.78 11.65
C LEU A 125 28.94 0.14 12.34
N ARG A 126 28.50 1.36 12.62
CA ARG A 126 29.36 2.33 13.27
C ARG A 126 29.71 1.90 14.68
N GLU A 127 28.77 1.30 15.39
CA GLU A 127 29.05 0.84 16.76
C GLU A 127 30.06 -0.29 16.73
N VAL A 128 29.78 -1.29 15.93
CA VAL A 128 30.65 -2.46 15.81
C VAL A 128 32.07 -2.11 15.39
N ILE A 129 32.22 -1.38 14.30
CA ILE A 129 33.55 -1.02 13.83
C ILE A 129 34.28 -0.10 14.81
N GLY A 130 33.56 0.84 15.41
CA GLY A 130 34.18 1.75 16.35
C GLY A 130 35.06 2.82 15.71
N GLY A 131 35.58 3.73 16.54
CA GLY A 131 36.42 4.80 16.05
C GLY A 131 35.76 6.15 16.23
N ASP A 132 36.48 7.23 15.91
CA ASP A 132 35.94 8.58 16.04
C ASP A 132 34.70 8.74 15.16
N ASP A 133 33.69 9.44 15.69
CA ASP A 133 32.47 9.68 14.94
C ASP A 133 32.78 10.50 13.71
N ALA A 134 33.84 11.30 13.78
CA ALA A 134 34.25 12.14 12.66
C ALA A 134 34.72 11.27 11.51
N ARG A 135 34.99 10.01 11.80
CA ARG A 135 35.43 9.06 10.79
C ARG A 135 34.29 8.66 9.87
N TYR A 136 33.06 8.84 10.34
CA TYR A 136 31.87 8.44 9.60
C TYR A 136 30.99 9.53 9.00
N SER A 137 30.35 9.16 7.90
CA SER A 137 29.40 10.03 7.20
C SER A 137 28.24 9.13 6.82
N ARG A 138 27.06 9.71 6.69
CA ARG A 138 25.88 8.94 6.31
C ARG A 138 25.35 9.56 5.03
N VAL A 139 25.55 8.86 3.90
CA VAL A 139 25.09 9.36 2.62
C VAL A 139 23.69 8.86 2.34
N VAL A 140 22.88 9.71 1.72
CA VAL A 140 21.50 9.39 1.40
C VAL A 140 21.24 9.52 -0.09
N PHE A 141 20.46 8.59 -0.63
CA PHE A 141 20.09 8.59 -2.04
C PHE A 141 18.84 7.76 -2.20
N ASN A 142 17.95 8.15 -3.11
CA ASN A 142 16.74 7.38 -3.31
C ASN A 142 16.74 6.62 -4.64
N GLU A 143 17.92 6.52 -5.23
CA GLU A 143 18.12 5.79 -6.47
C GLU A 143 19.62 5.67 -6.64
N ILE A 144 20.07 4.62 -7.31
CA ILE A 144 21.49 4.41 -7.49
C ILE A 144 21.91 4.66 -8.94
N THR A 145 22.11 5.94 -9.24
CA THR A 145 22.54 6.38 -10.58
C THR A 145 23.82 7.18 -10.42
N LYS A 146 24.46 7.51 -11.55
CA LYS A 146 25.71 8.25 -11.50
C LYS A 146 25.50 9.59 -10.82
N ASN A 147 24.50 10.35 -11.25
CA ASN A 147 24.25 11.65 -10.65
C ASN A 147 23.71 11.57 -9.21
N ALA A 148 22.88 10.57 -8.91
CA ALA A 148 22.36 10.45 -7.55
C ALA A 148 23.48 10.08 -6.58
N ILE A 149 24.40 9.22 -7.03
CA ILE A 149 25.50 8.80 -6.20
C ILE A 149 26.47 9.96 -6.02
N ARG A 150 26.72 10.69 -7.11
CA ARG A 150 27.63 11.81 -7.08
C ARG A 150 27.23 12.84 -6.03
N GLN A 151 25.98 13.30 -6.09
CA GLN A 151 25.50 14.27 -5.12
C GLN A 151 25.46 13.70 -3.70
N ALA A 152 25.27 12.38 -3.59
CA ALA A 152 25.22 11.75 -2.29
C ALA A 152 26.57 11.80 -1.58
N PHE A 153 27.65 11.64 -2.33
CA PHE A 153 28.99 11.68 -1.73
C PHE A 153 29.63 13.05 -1.84
N ASN A 154 28.93 13.96 -2.49
CA ASN A 154 29.41 15.33 -2.65
C ASN A 154 29.29 16.01 -1.29
N LYS A 155 28.08 15.98 -0.75
CA LYS A 155 27.78 16.58 0.55
C LYS A 155 27.16 15.49 1.42
N PRO A 156 27.99 14.66 2.05
CA PRO A 156 27.51 13.58 2.92
C PRO A 156 27.15 14.05 4.33
N GLY A 157 25.92 13.78 4.75
CA GLY A 157 25.49 14.18 6.08
C GLY A 157 25.96 13.28 7.21
N GLU A 158 25.51 13.60 8.43
CA GLU A 158 25.88 12.83 9.61
C GLU A 158 24.81 11.82 9.95
N LEU A 159 25.18 10.81 10.73
CA LEU A 159 24.24 9.81 11.17
C LEU A 159 23.24 10.57 12.04
N ASN A 160 21.96 10.27 11.90
CA ASN A 160 20.90 10.95 12.66
C ASN A 160 20.39 10.05 13.79
N ILE A 161 20.84 10.33 15.01
CA ILE A 161 20.46 9.55 16.19
C ILE A 161 18.96 9.55 16.48
N ASP A 162 18.26 10.58 16.05
CA ASP A 162 16.82 10.64 16.29
C ASP A 162 16.06 9.59 15.45
N ARG A 163 16.49 9.42 14.21
CA ARG A 163 15.87 8.45 13.32
C ARG A 163 16.19 7.05 13.87
N VAL A 164 17.41 6.89 14.38
CA VAL A 164 17.84 5.62 14.97
C VAL A 164 16.96 5.30 16.19
N ASN A 165 16.79 6.29 17.06
CA ASN A 165 15.98 6.12 18.27
C ASN A 165 14.53 5.79 17.90
N ALA A 166 14.05 6.38 16.81
CA ALA A 166 12.70 6.14 16.35
C ALA A 166 12.59 4.70 15.87
N GLN A 167 13.66 4.20 15.24
CA GLN A 167 13.68 2.83 14.76
C GLN A 167 13.74 1.84 15.92
N GLN A 168 14.56 2.12 16.92
CA GLN A 168 14.68 1.20 18.06
C GLN A 168 13.44 1.25 18.95
N ALA A 169 12.84 2.43 19.09
CA ALA A 169 11.65 2.53 19.91
C ALA A 169 10.63 1.55 19.33
N ARG A 170 10.49 1.54 18.01
CA ARG A 170 9.57 0.63 17.34
C ARG A 170 9.92 -0.83 17.66
N ARG A 171 11.17 -1.23 17.43
CA ARG A 171 11.59 -2.59 17.70
C ARG A 171 11.35 -2.97 19.16
N PHE A 172 11.62 -2.05 20.08
CA PHE A 172 11.41 -2.35 21.49
C PHE A 172 9.95 -2.59 21.84
N MET A 173 9.04 -1.69 21.47
CA MET A 173 7.65 -1.94 21.82
C MET A 173 7.06 -3.15 21.10
N ASP A 174 7.60 -3.48 19.92
CA ASP A 174 7.15 -4.64 19.18
C ASP A 174 7.58 -5.91 19.92
N ARG A 175 8.78 -5.87 20.46
CA ARG A 175 9.35 -6.99 21.19
C ARG A 175 8.58 -7.19 22.48
N VAL A 176 8.27 -6.08 23.15
CA VAL A 176 7.54 -6.11 24.41
C VAL A 176 6.17 -6.77 24.29
N VAL A 177 5.39 -6.35 23.30
CA VAL A 177 4.07 -6.91 23.08
C VAL A 177 4.17 -8.40 22.72
N GLY A 178 5.00 -8.72 21.73
CA GLY A 178 5.17 -10.10 21.31
C GLY A 178 5.58 -11.05 22.43
N TYR A 179 6.62 -10.71 23.18
CA TYR A 179 7.13 -11.57 24.26
C TYR A 179 6.40 -11.50 25.59
N MET A 180 5.57 -10.49 25.80
CA MET A 180 4.85 -10.38 27.06
C MET A 180 3.35 -10.67 26.95
N VAL A 181 2.81 -10.61 25.74
CA VAL A 181 1.39 -10.93 25.54
C VAL A 181 1.24 -12.39 25.12
N SER A 182 2.16 -12.86 24.28
CA SER A 182 2.13 -14.24 23.79
C SER A 182 2.07 -15.28 24.92
N PRO A 183 2.90 -15.12 25.97
CA PRO A 183 2.87 -16.10 27.06
C PRO A 183 1.51 -16.16 27.73
N LEU A 184 0.84 -15.02 27.84
CA LEU A 184 -0.48 -14.98 28.45
C LEU A 184 -1.45 -15.78 27.57
N LEU A 185 -1.29 -15.66 26.26
CA LEU A 185 -2.15 -16.37 25.33
C LEU A 185 -1.98 -17.88 25.42
N TRP A 186 -0.75 -18.33 25.68
CA TRP A 186 -0.49 -19.76 25.81
C TRP A 186 -1.22 -20.31 27.01
N LYS A 187 -1.18 -19.53 28.08
CA LYS A 187 -1.83 -19.88 29.34
C LYS A 187 -3.36 -19.85 29.23
N LYS A 188 -3.89 -18.76 28.70
CA LYS A 188 -5.32 -18.56 28.58
C LYS A 188 -6.03 -19.21 27.38
N ILE A 189 -5.36 -19.28 26.24
CA ILE A 189 -5.99 -19.83 25.04
C ILE A 189 -5.37 -21.11 24.48
N ALA A 190 -4.13 -21.00 24.00
CA ALA A 190 -3.45 -22.16 23.44
C ALA A 190 -1.96 -21.91 23.21
N ARG A 191 -1.16 -22.97 23.25
CA ARG A 191 0.29 -22.84 23.04
C ARG A 191 0.61 -22.45 21.60
N GLY A 192 1.78 -21.87 21.41
CA GLY A 192 2.22 -21.47 20.08
C GLY A 192 1.63 -20.22 19.45
N LEU A 193 0.67 -19.59 20.12
CA LEU A 193 0.05 -18.38 19.57
C LEU A 193 0.97 -17.17 19.71
N SER A 194 0.75 -16.18 18.86
CA SER A 194 1.55 -14.96 18.88
C SER A 194 0.66 -13.74 18.90
N ALA A 195 1.24 -12.63 19.34
CA ALA A 195 0.52 -11.38 19.41
C ALA A 195 1.49 -10.38 18.83
N GLY A 196 0.95 -9.38 18.12
CA GLY A 196 1.81 -8.39 17.53
C GLY A 196 1.19 -7.03 17.70
N ARG A 197 1.99 -6.07 18.12
CA ARG A 197 1.51 -4.71 18.33
C ARG A 197 0.58 -4.31 17.18
N VAL A 198 1.07 -4.34 15.95
CA VAL A 198 0.25 -3.96 14.81
C VAL A 198 -0.47 -5.17 14.20
N GLN A 199 0.23 -6.30 14.13
CA GLN A 199 -0.34 -7.51 13.56
C GLN A 199 -1.70 -7.85 14.11
N SER A 200 -1.92 -7.62 15.40
CA SER A 200 -3.21 -7.94 16.00
C SER A 200 -4.28 -6.94 15.60
N VAL A 201 -3.86 -5.72 15.26
CA VAL A 201 -4.80 -4.69 14.84
C VAL A 201 -5.18 -4.98 13.39
N ALA A 202 -4.20 -5.46 12.61
CA ALA A 202 -4.46 -5.79 11.22
C ALA A 202 -5.46 -6.94 11.19
N VAL A 203 -5.23 -7.95 12.02
CA VAL A 203 -6.15 -9.09 12.05
C VAL A 203 -7.56 -8.63 12.43
N ARG A 204 -7.66 -7.66 13.33
CA ARG A 204 -8.97 -7.17 13.74
C ARG A 204 -9.78 -6.69 12.53
N LEU A 205 -9.13 -5.95 11.64
CA LEU A 205 -9.83 -5.46 10.44
C LEU A 205 -10.42 -6.65 9.67
N VAL A 206 -9.66 -7.73 9.55
CA VAL A 206 -10.12 -8.92 8.84
C VAL A 206 -11.26 -9.63 9.56
N VAL A 207 -11.20 -9.68 10.88
CA VAL A 207 -12.25 -10.31 11.66
C VAL A 207 -13.56 -9.54 11.53
N GLU A 208 -13.51 -8.22 11.64
CA GLU A 208 -14.71 -7.41 11.50
C GLU A 208 -15.25 -7.57 10.09
N ARG A 209 -14.36 -7.62 9.11
CA ARG A 209 -14.80 -7.81 7.73
C ARG A 209 -15.46 -9.18 7.58
N GLU A 210 -14.85 -10.21 8.17
CA GLU A 210 -15.40 -11.56 8.10
C GLU A 210 -16.80 -11.63 8.70
N ARG A 211 -17.02 -10.88 9.78
CA ARG A 211 -18.29 -10.86 10.48
C ARG A 211 -19.38 -10.06 9.77
N GLU A 212 -18.99 -9.04 9.02
CA GLU A 212 -19.96 -8.23 8.28
C GLU A 212 -20.56 -9.15 7.21
N ILE A 213 -19.66 -9.89 6.56
CA ILE A 213 -20.00 -10.82 5.49
C ILE A 213 -20.89 -11.96 5.96
N LYS A 214 -20.58 -12.50 7.14
CA LYS A 214 -21.36 -13.62 7.67
C LYS A 214 -22.75 -13.16 8.07
N ALA A 215 -22.88 -11.90 8.47
CA ALA A 215 -24.16 -11.36 8.90
C ALA A 215 -24.98 -10.65 7.81
N PHE A 216 -24.44 -10.57 6.60
CA PHE A 216 -25.14 -9.88 5.52
C PHE A 216 -26.40 -10.59 5.03
N VAL A 217 -27.48 -9.83 4.85
CA VAL A 217 -28.74 -10.36 4.36
C VAL A 217 -29.06 -9.76 2.98
N PRO A 218 -28.70 -10.47 1.90
CA PRO A 218 -28.94 -9.99 0.53
C PRO A 218 -30.38 -9.53 0.31
N GLU A 219 -30.53 -8.33 -0.25
CA GLU A 219 -31.85 -7.80 -0.51
C GLU A 219 -32.17 -7.78 -2.01
N GLU A 220 -33.43 -8.07 -2.33
CA GLU A 220 -33.91 -8.13 -3.70
C GLU A 220 -34.35 -6.76 -4.23
N PHE A 221 -33.95 -6.44 -5.45
CA PHE A 221 -34.34 -5.19 -6.08
C PHE A 221 -34.33 -5.40 -7.59
N TRP A 222 -35.21 -4.72 -8.30
CA TRP A 222 -35.30 -4.88 -9.75
C TRP A 222 -34.95 -3.69 -10.62
N GLU A 223 -34.63 -3.98 -11.87
CA GLU A 223 -34.31 -3.00 -12.88
C GLU A 223 -35.10 -3.35 -14.13
N VAL A 224 -35.37 -2.36 -14.96
CA VAL A 224 -36.11 -2.58 -16.20
C VAL A 224 -35.46 -1.82 -17.33
N ASP A 225 -35.14 -2.54 -18.40
CA ASP A 225 -34.52 -1.93 -19.57
C ASP A 225 -35.49 -1.94 -20.72
N ALA A 226 -35.29 -1.01 -21.65
CA ALA A 226 -36.15 -0.92 -22.80
C ALA A 226 -35.32 -0.72 -24.05
N SER A 227 -35.57 -1.53 -25.07
CA SER A 227 -34.85 -1.33 -26.33
C SER A 227 -35.86 -0.68 -27.26
N THR A 228 -35.48 0.47 -27.83
CA THR A 228 -36.37 1.22 -28.70
C THR A 228 -35.80 1.54 -30.08
N THR A 229 -36.60 2.25 -30.87
CA THR A 229 -36.21 2.62 -32.22
C THR A 229 -36.30 4.12 -32.47
N THR A 230 -35.22 4.70 -32.98
CA THR A 230 -35.20 6.12 -33.27
C THR A 230 -36.09 6.33 -34.49
N PRO A 231 -36.37 7.60 -34.83
CA PRO A 231 -37.22 7.82 -36.01
C PRO A 231 -36.61 7.17 -37.26
N SER A 232 -35.29 7.31 -37.41
CA SER A 232 -34.61 6.71 -38.55
C SER A 232 -34.80 5.21 -38.53
N GLY A 233 -34.75 4.62 -37.34
CA GLY A 233 -34.92 3.18 -37.20
C GLY A 233 -33.74 2.57 -36.48
N GLU A 234 -32.80 3.40 -36.06
CA GLU A 234 -31.63 2.92 -35.35
C GLU A 234 -32.03 2.49 -33.94
N ALA A 235 -31.36 1.46 -33.42
CA ALA A 235 -31.65 0.93 -32.10
C ALA A 235 -31.12 1.81 -30.98
N LEU A 236 -31.93 1.94 -29.93
CA LEU A 236 -31.57 2.73 -28.76
C LEU A 236 -32.01 1.99 -27.51
N ALA A 237 -31.05 1.68 -26.64
CA ALA A 237 -31.32 0.95 -25.41
C ALA A 237 -31.44 1.93 -24.25
N LEU A 238 -32.47 1.75 -23.45
CA LEU A 238 -32.71 2.64 -22.32
C LEU A 238 -32.84 1.91 -21.00
N GLN A 239 -32.71 2.65 -19.92
CA GLN A 239 -32.83 2.11 -18.57
C GLN A 239 -33.81 3.00 -17.83
N VAL A 240 -34.84 2.40 -17.24
CA VAL A 240 -35.83 3.16 -16.49
C VAL A 240 -35.16 3.73 -15.26
N THR A 241 -35.35 5.02 -15.01
CA THR A 241 -34.75 5.67 -13.84
C THR A 241 -35.76 6.19 -12.83
N HIS A 242 -36.83 6.82 -13.31
CA HIS A 242 -37.85 7.35 -12.42
C HIS A 242 -39.27 6.96 -12.80
N GLN A 243 -40.15 6.99 -11.81
CA GLN A 243 -41.57 6.71 -11.99
C GLN A 243 -42.28 7.70 -11.06
N ASN A 244 -43.09 8.58 -11.66
CA ASN A 244 -43.79 9.59 -10.88
C ASN A 244 -42.76 10.53 -10.29
N ASP A 245 -41.67 10.72 -11.01
CA ASP A 245 -40.58 11.60 -10.56
C ASP A 245 -39.84 11.10 -9.34
N LYS A 246 -40.01 9.81 -9.03
CA LYS A 246 -39.31 9.20 -7.91
C LYS A 246 -38.48 8.06 -8.46
N PRO A 247 -37.27 7.86 -7.92
CA PRO A 247 -36.38 6.80 -8.38
C PRO A 247 -37.11 5.46 -8.55
N PHE A 248 -36.77 4.74 -9.61
CA PHE A 248 -37.40 3.46 -9.91
C PHE A 248 -36.62 2.29 -9.33
N ARG A 249 -37.22 1.59 -8.37
CA ARG A 249 -36.55 0.44 -7.77
C ARG A 249 -37.52 -0.51 -7.07
N PRO A 250 -38.28 -1.30 -7.85
CA PRO A 250 -39.22 -2.25 -7.25
C PRO A 250 -38.45 -3.30 -6.45
N VAL A 251 -39.13 -3.97 -5.52
CA VAL A 251 -38.48 -4.97 -4.68
C VAL A 251 -38.96 -6.41 -4.88
N ASN A 252 -39.85 -6.63 -5.84
CA ASN A 252 -40.37 -7.97 -6.11
C ASN A 252 -40.86 -8.12 -7.54
N LYS A 253 -41.31 -9.33 -7.89
CA LYS A 253 -41.79 -9.58 -9.24
C LYS A 253 -43.11 -8.89 -9.57
N GLU A 254 -44.00 -8.78 -8.59
CA GLU A 254 -45.29 -8.15 -8.83
C GLU A 254 -45.18 -6.67 -9.20
N GLN A 255 -44.35 -5.93 -8.46
CA GLN A 255 -44.18 -4.51 -8.73
C GLN A 255 -43.59 -4.24 -10.11
N THR A 256 -42.63 -5.05 -10.50
CA THR A 256 -41.98 -4.89 -11.79
C THR A 256 -42.98 -5.11 -12.92
N GLN A 257 -43.82 -6.12 -12.75
CA GLN A 257 -44.82 -6.46 -13.75
C GLN A 257 -45.80 -5.31 -13.92
N ALA A 258 -46.29 -4.76 -12.81
CA ALA A 258 -47.22 -3.65 -12.85
C ALA A 258 -46.59 -2.49 -13.62
N ALA A 259 -45.32 -2.22 -13.35
CA ALA A 259 -44.63 -1.14 -14.03
C ALA A 259 -44.46 -1.50 -15.50
N VAL A 260 -44.16 -2.77 -15.77
CA VAL A 260 -43.97 -3.24 -17.13
C VAL A 260 -45.21 -3.09 -18.01
N SER A 261 -46.40 -3.27 -17.43
CA SER A 261 -47.65 -3.14 -18.17
C SER A 261 -47.90 -1.69 -18.55
N LEU A 262 -47.53 -0.77 -17.67
CA LEU A 262 -47.72 0.65 -17.94
C LEU A 262 -46.72 1.08 -19.02
N LEU A 263 -45.52 0.52 -18.98
CA LEU A 263 -44.47 0.85 -19.93
C LEU A 263 -44.69 0.29 -21.33
N GLU A 264 -45.49 -0.77 -21.44
CA GLU A 264 -45.76 -1.34 -22.76
C GLU A 264 -46.71 -0.49 -23.57
N LYS A 265 -47.59 0.22 -22.88
CA LYS A 265 -48.57 1.07 -23.55
C LYS A 265 -48.14 2.52 -23.68
N ALA A 266 -47.11 2.91 -22.93
CA ALA A 266 -46.64 4.29 -22.95
C ALA A 266 -46.12 4.78 -24.29
N ARG A 267 -46.14 6.09 -24.47
CA ARG A 267 -45.63 6.71 -25.69
C ARG A 267 -44.26 7.28 -25.32
N TYR A 268 -43.24 6.93 -26.10
CA TYR A 268 -41.87 7.38 -25.85
C TYR A 268 -41.41 8.57 -26.69
N SER A 269 -40.69 9.48 -26.03
CA SER A 269 -40.16 10.67 -26.70
C SER A 269 -38.93 11.17 -25.96
N VAL A 270 -37.98 11.73 -26.71
CA VAL A 270 -36.76 12.27 -26.14
C VAL A 270 -37.05 13.53 -25.33
N LEU A 271 -36.98 13.42 -24.01
CA LEU A 271 -37.24 14.55 -23.13
C LEU A 271 -36.15 15.59 -23.23
N GLU A 272 -34.90 15.14 -23.33
CA GLU A 272 -33.76 16.03 -23.38
C GLU A 272 -32.46 15.34 -23.78
N ARG A 273 -31.61 16.07 -24.47
CA ARG A 273 -30.31 15.55 -24.90
C ARG A 273 -29.22 16.52 -24.42
N GLU A 274 -28.36 16.04 -23.55
CA GLU A 274 -27.29 16.88 -23.04
C GLU A 274 -25.95 16.38 -23.54
N ASP A 275 -25.29 17.20 -24.34
CA ASP A 275 -23.99 16.84 -24.90
C ASP A 275 -22.91 17.68 -24.24
N LYS A 276 -22.01 17.01 -23.54
CA LYS A 276 -20.93 17.69 -22.85
C LYS A 276 -19.60 16.95 -22.93
N PRO A 277 -18.51 17.71 -23.11
CA PRO A 277 -17.17 17.12 -23.19
C PRO A 277 -16.61 16.83 -21.81
N THR A 278 -16.04 15.64 -21.65
CA THR A 278 -15.46 15.24 -20.38
C THR A 278 -14.00 14.83 -20.59
N THR A 279 -13.32 14.56 -19.49
CA THR A 279 -11.92 14.18 -19.53
C THR A 279 -11.61 13.21 -18.40
N SER A 280 -10.48 12.54 -18.48
CA SER A 280 -10.04 11.62 -17.45
C SER A 280 -8.56 11.96 -17.28
N LYS A 281 -8.08 11.97 -16.05
CA LYS A 281 -6.70 12.33 -15.79
C LYS A 281 -5.85 11.13 -15.40
N PRO A 282 -4.55 11.16 -15.72
CA PRO A 282 -3.65 10.04 -15.39
C PRO A 282 -3.48 9.97 -13.88
N GLY A 283 -3.19 8.78 -13.36
CA GLY A 283 -3.01 8.68 -11.93
C GLY A 283 -1.68 9.30 -11.51
N ALA A 284 -1.51 9.55 -10.22
CA ALA A 284 -0.27 10.12 -9.71
C ALA A 284 0.79 9.03 -9.75
N PRO A 285 2.08 9.39 -9.71
CA PRO A 285 3.07 8.32 -9.73
C PRO A 285 2.93 7.44 -8.47
N PHE A 286 3.34 6.18 -8.58
CA PHE A 286 3.21 5.23 -7.48
C PHE A 286 3.96 5.52 -6.19
N ILE A 287 3.41 5.01 -5.11
CA ILE A 287 4.05 5.06 -3.81
C ILE A 287 3.93 3.60 -3.38
N THR A 288 4.55 3.24 -2.27
CA THR A 288 4.53 1.85 -1.84
C THR A 288 3.17 1.17 -1.88
N SER A 289 2.16 1.77 -1.24
CA SER A 289 0.85 1.14 -1.21
C SER A 289 0.16 1.08 -2.57
N THR A 290 0.14 2.19 -3.33
CA THR A 290 -0.50 2.14 -4.65
C THR A 290 0.20 1.15 -5.57
N LEU A 291 1.51 1.02 -5.44
CA LEU A 291 2.24 0.08 -6.28
C LEU A 291 1.72 -1.34 -5.99
N GLN A 292 1.64 -1.69 -4.71
CA GLN A 292 1.18 -3.01 -4.31
C GLN A 292 -0.23 -3.30 -4.82
N GLN A 293 -1.12 -2.30 -4.74
CA GLN A 293 -2.48 -2.50 -5.21
C GLN A 293 -2.56 -2.73 -6.71
N ALA A 294 -1.96 -1.83 -7.49
CA ALA A 294 -1.98 -1.95 -8.95
C ALA A 294 -1.28 -3.22 -9.42
N ALA A 295 -0.19 -3.60 -8.73
CA ALA A 295 0.53 -4.81 -9.12
C ALA A 295 -0.38 -6.00 -8.85
N SER A 296 -1.14 -5.93 -7.77
CA SER A 296 -2.06 -7.01 -7.40
C SER A 296 -3.30 -7.05 -8.28
N THR A 297 -3.87 -5.89 -8.57
CA THR A 297 -5.07 -5.82 -9.40
C THR A 297 -4.84 -6.09 -10.90
N ARG A 298 -3.76 -5.56 -11.45
CA ARG A 298 -3.49 -5.75 -12.86
C ARG A 298 -2.61 -6.95 -13.18
N LEU A 299 -1.60 -7.18 -12.36
CA LEU A 299 -0.68 -8.28 -12.62
C LEU A 299 -0.88 -9.52 -11.79
N GLY A 300 -1.71 -9.44 -10.76
CA GLY A 300 -1.94 -10.59 -9.90
C GLY A 300 -0.77 -10.91 -8.98
N PHE A 301 0.05 -9.91 -8.68
CA PHE A 301 1.21 -10.10 -7.80
C PHE A 301 0.86 -9.84 -6.33
N GLY A 302 1.24 -10.76 -5.45
CA GLY A 302 0.98 -10.58 -4.04
C GLY A 302 1.94 -9.53 -3.49
N VAL A 303 1.65 -9.01 -2.30
CA VAL A 303 2.49 -7.99 -1.67
C VAL A 303 3.95 -8.41 -1.54
N LYS A 304 4.19 -9.64 -1.11
CA LYS A 304 5.56 -10.13 -0.95
C LYS A 304 6.30 -10.08 -2.29
N LYS A 305 5.72 -10.73 -3.31
CA LYS A 305 6.35 -10.75 -4.65
C LYS A 305 6.70 -9.33 -5.12
N THR A 306 5.72 -8.45 -5.17
CA THR A 306 5.93 -7.08 -5.60
C THR A 306 7.07 -6.39 -4.87
N MET A 307 7.09 -6.49 -3.54
CA MET A 307 8.15 -5.84 -2.79
C MET A 307 9.53 -6.47 -2.96
N MET A 308 9.60 -7.77 -3.25
CA MET A 308 10.89 -8.41 -3.47
C MET A 308 11.46 -8.03 -4.84
N MET A 309 10.60 -7.89 -5.83
CA MET A 309 11.05 -7.54 -7.16
C MET A 309 11.37 -6.04 -7.20
N ALA A 310 10.55 -5.27 -6.50
CA ALA A 310 10.75 -3.83 -6.46
C ALA A 310 12.16 -3.60 -5.93
N GLN A 311 12.48 -4.25 -4.82
CA GLN A 311 13.79 -4.10 -4.20
C GLN A 311 14.95 -4.44 -5.14
N ARG A 312 14.84 -5.57 -5.83
CA ARG A 312 15.89 -5.97 -6.76
C ARG A 312 15.98 -4.97 -7.92
N LEU A 313 14.86 -4.39 -8.32
CA LEU A 313 14.90 -3.41 -9.39
C LEU A 313 15.67 -2.21 -8.86
N TYR A 314 15.29 -1.78 -7.65
CA TYR A 314 15.93 -0.65 -6.99
C TYR A 314 17.43 -0.87 -6.81
N GLU A 315 17.82 -2.00 -6.21
CA GLU A 315 19.22 -2.30 -5.98
C GLU A 315 20.02 -2.47 -7.26
N ALA A 316 19.34 -2.72 -8.37
CA ALA A 316 20.03 -2.88 -9.65
C ALA A 316 20.18 -1.51 -10.31
N GLY A 317 19.60 -0.49 -9.69
CA GLY A 317 19.71 0.86 -10.21
C GLY A 317 18.68 1.25 -11.24
N TYR A 318 17.64 0.45 -11.39
CA TYR A 318 16.60 0.72 -12.38
C TYR A 318 15.42 1.59 -11.93
N ILE A 319 15.11 1.58 -10.64
CA ILE A 319 14.01 2.38 -10.11
C ILE A 319 14.40 3.06 -8.81
N THR A 320 13.61 4.05 -8.38
CA THR A 320 13.87 4.77 -7.14
C THR A 320 13.50 3.90 -5.95
N TYR A 321 13.89 4.32 -4.75
CA TYR A 321 13.62 3.58 -3.52
C TYR A 321 12.16 3.16 -3.50
N MET A 322 11.90 1.89 -3.13
CA MET A 322 10.53 1.38 -3.14
C MET A 322 9.72 1.52 -1.86
N ARG A 323 10.27 2.21 -0.86
CA ARG A 323 9.56 2.45 0.39
C ARG A 323 9.37 3.96 0.53
N THR A 324 8.20 4.44 0.13
CA THR A 324 7.92 5.86 0.15
C THR A 324 6.43 6.11 0.18
N ASP A 325 6.05 7.33 0.56
CA ASP A 325 4.63 7.71 0.57
C ASP A 325 4.56 9.12 -0.02
N SER A 326 5.56 9.45 -0.82
CA SER A 326 5.67 10.74 -1.47
C SER A 326 5.44 10.60 -2.97
N THR A 327 4.54 11.41 -3.51
CA THR A 327 4.24 11.38 -4.93
C THR A 327 5.02 12.49 -5.63
N ASN A 328 6.04 13.01 -4.95
CA ASN A 328 6.88 14.06 -5.48
C ASN A 328 7.86 13.56 -6.52
N LEU A 329 8.14 14.41 -7.51
CA LEU A 329 9.07 14.06 -8.58
C LEU A 329 10.08 15.20 -8.74
N SER A 330 11.36 14.85 -8.77
CA SER A 330 12.43 15.83 -8.92
C SER A 330 12.33 16.53 -10.27
N GLN A 331 12.89 17.74 -10.33
CA GLN A 331 12.86 18.53 -11.54
C GLN A 331 13.51 17.79 -12.72
N ASP A 332 14.64 17.13 -12.47
CA ASP A 332 15.30 16.41 -13.57
C ASP A 332 14.44 15.26 -14.09
N ALA A 333 13.81 14.51 -13.18
CA ALA A 333 12.97 13.38 -13.58
C ALA A 333 11.84 13.84 -14.49
N VAL A 334 11.21 14.95 -14.10
CA VAL A 334 10.11 15.52 -14.85
C VAL A 334 10.61 16.01 -16.20
N ASN A 335 11.78 16.65 -16.18
CA ASN A 335 12.33 17.19 -17.41
C ASN A 335 12.78 16.06 -18.34
N MET A 336 13.25 14.95 -17.78
CA MET A 336 13.66 13.85 -18.65
C MET A 336 12.42 13.15 -19.24
N VAL A 337 11.36 13.03 -18.46
CA VAL A 337 10.17 12.36 -18.99
C VAL A 337 9.45 13.25 -19.98
N ARG A 338 9.40 14.56 -19.72
CA ARG A 338 8.76 15.47 -20.66
C ARG A 338 9.47 15.40 -22.01
N GLY A 339 10.79 15.30 -21.99
CA GLY A 339 11.54 15.19 -23.24
C GLY A 339 11.16 13.89 -23.94
N TYR A 340 10.99 12.81 -23.19
CA TYR A 340 10.59 11.53 -23.78
C TYR A 340 9.18 11.65 -24.40
N ILE A 341 8.24 12.22 -23.64
CA ILE A 341 6.87 12.40 -24.15
C ILE A 341 6.87 13.21 -25.43
N SER A 342 7.63 14.31 -25.41
CA SER A 342 7.73 15.20 -26.56
C SER A 342 8.28 14.54 -27.82
N ASP A 343 9.30 13.71 -27.68
CA ASP A 343 9.91 13.05 -28.83
C ASP A 343 9.13 11.85 -29.33
N ASN A 344 8.60 11.06 -28.40
CA ASN A 344 7.90 9.84 -28.77
C ASN A 344 6.38 9.89 -28.90
N PHE A 345 5.76 10.98 -28.48
CA PHE A 345 4.31 11.09 -28.57
C PHE A 345 3.87 12.39 -29.24
N GLY A 346 4.56 13.47 -28.97
CA GLY A 346 4.19 14.73 -29.61
C GLY A 346 3.68 15.84 -28.73
N LYS A 347 3.65 17.03 -29.29
CA LYS A 347 3.23 18.24 -28.60
C LYS A 347 1.86 18.22 -27.90
N LYS A 348 0.86 17.59 -28.50
CA LYS A 348 -0.45 17.58 -27.87
C LYS A 348 -0.55 16.70 -26.63
N TYR A 349 0.48 15.90 -26.39
CA TYR A 349 0.49 15.02 -25.22
C TYR A 349 1.28 15.67 -24.10
N LEU A 350 1.95 16.76 -24.41
CA LEU A 350 2.75 17.48 -23.43
C LEU A 350 1.93 18.64 -22.85
N PRO A 351 1.76 18.68 -21.52
CA PRO A 351 1.00 19.75 -20.88
C PRO A 351 1.82 21.04 -20.87
N GLU A 352 1.14 22.17 -20.76
CA GLU A 352 1.80 23.47 -20.73
C GLU A 352 2.94 23.41 -19.71
N SER A 353 2.58 23.13 -18.46
CA SER A 353 3.53 23.02 -17.37
C SER A 353 3.47 21.62 -16.75
N PRO A 354 4.54 21.20 -16.08
CA PRO A 354 4.60 19.88 -15.42
C PRO A 354 3.47 19.65 -14.43
N ASN A 355 3.05 18.40 -14.29
CA ASN A 355 2.01 18.07 -13.31
C ASN A 355 2.67 17.83 -11.96
N GLN A 356 2.18 18.52 -10.93
CA GLN A 356 2.73 18.40 -9.57
C GLN A 356 1.75 17.68 -8.66
N TYR A 357 2.11 16.48 -8.19
CA TYR A 357 1.24 15.72 -7.32
C TYR A 357 1.63 15.91 -5.85
N ALA A 358 0.66 16.29 -5.04
CA ALA A 358 0.89 16.52 -3.62
C ALA A 358 -0.01 15.61 -2.78
N HIS A 367 12.09 13.19 -0.57
CA HIS A 367 11.70 11.84 -0.99
C HIS A 367 10.99 11.88 -2.33
N GLU A 368 10.87 10.73 -2.97
CA GLU A 368 10.23 10.67 -4.27
C GLU A 368 9.34 9.48 -4.50
N ALA A 369 8.55 9.54 -5.57
CA ALA A 369 7.65 8.46 -5.91
C ALA A 369 8.50 7.30 -6.41
N ILE A 370 7.84 6.21 -6.77
CA ILE A 370 8.52 5.05 -7.30
C ILE A 370 8.44 5.29 -8.80
N ARG A 371 9.61 5.41 -9.42
CA ARG A 371 9.65 5.70 -10.85
C ARG A 371 10.92 5.12 -11.41
N PRO A 372 10.98 4.95 -12.75
CA PRO A 372 12.21 4.40 -13.30
C PRO A 372 13.32 5.44 -13.13
N SER A 373 14.56 4.97 -13.08
CA SER A 373 15.70 5.86 -12.91
C SER A 373 16.03 6.59 -14.19
N ASP A 374 15.82 5.92 -15.31
CA ASP A 374 16.09 6.48 -16.63
C ASP A 374 14.90 6.09 -17.52
N VAL A 375 14.13 7.08 -17.97
CA VAL A 375 12.95 6.80 -18.80
C VAL A 375 13.27 6.16 -20.13
N ASN A 376 14.54 6.23 -20.54
CA ASN A 376 14.94 5.67 -21.82
C ASN A 376 15.29 4.20 -21.76
N VAL A 377 15.24 3.63 -20.55
CA VAL A 377 15.51 2.21 -20.35
C VAL A 377 14.16 1.50 -20.33
N MET A 378 13.94 0.64 -21.32
CA MET A 378 12.67 -0.08 -21.43
C MET A 378 12.66 -1.41 -20.70
N ALA A 379 11.47 -1.82 -20.27
CA ALA A 379 11.31 -3.08 -19.56
C ALA A 379 12.06 -4.22 -20.27
N GLU A 380 12.02 -4.20 -21.60
CA GLU A 380 12.68 -5.22 -22.40
C GLU A 380 14.22 -5.14 -22.41
N SER A 381 14.78 -4.05 -21.91
CA SER A 381 16.22 -3.90 -21.91
C SER A 381 16.87 -4.25 -20.57
N LEU A 382 16.07 -4.57 -19.56
CA LEU A 382 16.61 -4.91 -18.26
C LEU A 382 17.52 -6.14 -18.35
N LYS A 383 18.65 -6.10 -17.64
CA LYS A 383 19.60 -7.19 -17.69
C LYS A 383 19.27 -8.49 -16.94
N ASP A 384 19.66 -8.62 -15.66
CA ASP A 384 19.35 -9.86 -14.97
C ASP A 384 18.00 -9.87 -14.24
N MET A 385 16.94 -9.46 -14.94
CA MET A 385 15.63 -9.44 -14.32
C MET A 385 14.69 -10.47 -14.96
N GLU A 386 13.99 -11.23 -14.13
CA GLU A 386 13.07 -12.25 -14.66
C GLU A 386 11.86 -11.55 -15.26
N ALA A 387 11.07 -12.31 -16.03
CA ALA A 387 9.89 -11.79 -16.70
C ALA A 387 8.96 -10.94 -15.84
N ASP A 388 8.60 -11.44 -14.66
CA ASP A 388 7.69 -10.70 -13.81
C ASP A 388 8.30 -9.40 -13.27
N ALA A 389 9.60 -9.40 -13.03
CA ALA A 389 10.27 -8.21 -12.52
C ALA A 389 10.25 -7.14 -13.61
N GLN A 390 10.26 -7.58 -14.86
CA GLN A 390 10.20 -6.65 -15.98
C GLN A 390 8.78 -6.09 -16.08
N LYS A 391 7.79 -6.95 -15.79
CA LYS A 391 6.40 -6.53 -15.82
C LYS A 391 6.13 -5.44 -14.77
N LEU A 392 6.72 -5.61 -13.59
CA LEU A 392 6.53 -4.62 -12.53
C LEU A 392 7.17 -3.30 -12.97
N TYR A 393 8.32 -3.38 -13.64
CA TYR A 393 9.01 -2.19 -14.12
C TYR A 393 8.15 -1.50 -15.16
N GLN A 394 7.53 -2.29 -16.02
CA GLN A 394 6.68 -1.76 -17.08
C GLN A 394 5.55 -0.96 -16.45
N LEU A 395 4.91 -1.56 -15.47
CA LEU A 395 3.80 -0.92 -14.74
C LEU A 395 4.27 0.42 -14.17
N ILE A 396 5.43 0.41 -13.52
CA ILE A 396 5.98 1.61 -12.90
C ILE A 396 6.28 2.68 -13.95
N TRP A 397 6.93 2.24 -15.02
CA TRP A 397 7.32 3.10 -16.13
C TRP A 397 6.12 3.78 -16.78
N ARG A 398 5.09 2.98 -17.11
CA ARG A 398 3.89 3.51 -17.74
C ARG A 398 3.16 4.51 -16.85
N GLN A 399 3.09 4.22 -15.56
CA GLN A 399 2.42 5.10 -14.61
C GLN A 399 3.17 6.43 -14.53
N PHE A 400 4.50 6.35 -14.59
CA PHE A 400 5.34 7.53 -14.51
C PHE A 400 5.22 8.41 -15.76
N VAL A 401 5.27 7.79 -16.94
CA VAL A 401 5.16 8.54 -18.17
C VAL A 401 3.76 9.14 -18.27
N ALA A 402 2.76 8.32 -17.97
CA ALA A 402 1.38 8.75 -18.06
C ALA A 402 1.09 9.96 -17.18
N CYS A 403 1.61 9.94 -15.95
CA CYS A 403 1.33 11.02 -15.02
C CYS A 403 1.81 12.40 -15.48
N GLN A 404 2.67 12.45 -16.50
CA GLN A 404 3.16 13.72 -17.01
C GLN A 404 2.59 14.07 -18.37
N MET A 405 1.57 13.33 -18.79
CA MET A 405 0.91 13.55 -20.07
C MET A 405 -0.43 14.25 -19.90
N THR A 406 -0.95 14.79 -21.00
CA THR A 406 -2.22 15.51 -20.98
C THR A 406 -3.40 14.55 -20.77
N PRO A 407 -4.56 15.09 -20.38
CA PRO A 407 -5.75 14.27 -20.14
C PRO A 407 -6.37 13.79 -21.45
N ALA A 408 -7.19 12.75 -21.35
CA ALA A 408 -7.91 12.22 -22.50
C ALA A 408 -9.24 12.97 -22.54
N LYS A 409 -9.73 13.25 -23.74
CA LYS A 409 -10.96 14.00 -23.90
C LYS A 409 -12.08 13.15 -24.49
N TYR A 410 -13.29 13.32 -23.96
CA TYR A 410 -14.44 12.56 -24.46
C TYR A 410 -15.64 13.45 -24.68
N ASP A 411 -16.50 13.05 -25.62
CA ASP A 411 -17.74 13.78 -25.87
C ASP A 411 -18.81 12.91 -25.25
N SER A 412 -19.24 13.28 -24.04
CA SER A 412 -20.26 12.51 -23.33
C SER A 412 -21.66 12.96 -23.70
N THR A 413 -22.55 11.97 -23.83
CA THR A 413 -23.93 12.24 -24.18
C THR A 413 -24.89 11.59 -23.19
N THR A 414 -25.94 12.31 -22.81
CA THR A 414 -26.96 11.80 -21.89
C THR A 414 -28.35 12.09 -22.44
N LEU A 415 -29.05 11.04 -22.85
CA LEU A 415 -30.39 11.18 -23.38
C LEU A 415 -31.40 10.81 -22.32
N THR A 416 -32.36 11.69 -22.08
CA THR A 416 -33.40 11.42 -21.10
C THR A 416 -34.66 11.18 -21.92
N VAL A 417 -35.43 10.17 -21.55
CA VAL A 417 -36.63 9.86 -22.30
C VAL A 417 -37.85 9.80 -21.41
N GLY A 418 -38.96 10.32 -21.94
CA GLY A 418 -40.20 10.30 -21.19
C GLY A 418 -41.14 9.26 -21.77
N ALA A 419 -41.89 8.60 -20.90
CA ALA A 419 -42.83 7.58 -21.35
C ALA A 419 -43.94 7.53 -20.31
N GLY A 420 -44.96 8.36 -20.51
CA GLY A 420 -46.05 8.41 -19.55
C GLY A 420 -45.48 9.01 -18.27
N ASP A 421 -45.70 8.36 -17.14
CA ASP A 421 -45.18 8.87 -15.88
C ASP A 421 -43.78 8.34 -15.61
N PHE A 422 -43.15 7.76 -16.62
CA PHE A 422 -41.80 7.22 -16.47
C PHE A 422 -40.77 8.08 -17.16
N ARG A 423 -39.54 8.03 -16.65
CA ARG A 423 -38.41 8.75 -17.22
C ARG A 423 -37.32 7.70 -17.43
N LEU A 424 -36.72 7.67 -18.62
CA LEU A 424 -35.67 6.69 -18.91
C LEU A 424 -34.35 7.36 -19.27
N LYS A 425 -33.28 6.57 -19.26
CA LYS A 425 -31.94 7.11 -19.52
C LYS A 425 -31.04 6.26 -20.44
N ALA A 426 -30.12 6.95 -21.12
CA ALA A 426 -29.14 6.32 -22.00
C ALA A 426 -27.86 7.16 -21.90
N ARG A 427 -26.76 6.48 -21.62
CA ARG A 427 -25.46 7.12 -21.49
C ARG A 427 -24.57 6.69 -22.65
N GLY A 428 -23.50 7.44 -22.89
CA GLY A 428 -22.58 7.12 -23.97
C GLY A 428 -21.53 8.19 -24.18
N ARG A 429 -20.35 7.80 -24.65
CA ARG A 429 -19.29 8.77 -24.87
C ARG A 429 -18.38 8.35 -26.01
N ILE A 430 -17.77 9.34 -26.64
CA ILE A 430 -16.87 9.10 -27.75
C ILE A 430 -15.49 9.63 -27.41
N LEU A 431 -14.47 8.81 -27.63
CA LEU A 431 -13.11 9.22 -27.37
C LEU A 431 -12.73 10.27 -28.42
N ARG A 432 -12.32 11.44 -27.95
CA ARG A 432 -11.93 12.53 -28.83
C ARG A 432 -10.40 12.65 -28.91
N PHE A 433 -9.73 12.43 -27.79
CA PHE A 433 -8.27 12.52 -27.74
C PHE A 433 -7.78 11.58 -26.63
N ASP A 434 -7.00 10.57 -27.01
CA ASP A 434 -6.52 9.57 -26.05
C ASP A 434 -5.65 10.10 -24.92
N GLY A 435 -4.89 11.16 -25.17
CA GLY A 435 -4.04 11.74 -24.14
C GLY A 435 -3.15 10.70 -23.47
N TRP A 436 -3.08 10.72 -22.15
CA TRP A 436 -2.25 9.79 -21.40
C TRP A 436 -2.52 8.30 -21.66
N THR A 437 -3.74 7.93 -22.04
CA THR A 437 -4.01 6.51 -22.27
C THR A 437 -3.25 5.94 -23.46
N LYS A 438 -2.61 6.81 -24.23
CA LYS A 438 -1.84 6.38 -25.39
C LYS A 438 -0.68 5.46 -24.97
N VAL A 439 -0.15 5.65 -23.77
CA VAL A 439 0.96 4.84 -23.24
C VAL A 439 0.52 3.49 -22.68
N MET A 440 -0.79 3.30 -22.53
CA MET A 440 -1.35 2.06 -22.00
C MET A 440 -1.72 1.15 -23.16
N PRO A 441 -1.78 -0.18 -22.94
CA PRO A 441 -2.14 -1.05 -24.06
C PRO A 441 -3.39 -0.57 -24.79
N ALA A 442 -3.46 -0.89 -26.08
CA ALA A 442 -4.58 -0.49 -26.90
C ALA A 442 -5.87 -1.14 -26.38
N LEU A 443 -6.97 -0.39 -26.48
CA LEU A 443 -8.28 -0.87 -26.03
C LEU A 443 -8.85 -1.99 -26.91
N ARG A 444 -9.65 -2.85 -26.30
CA ARG A 444 -10.29 -3.94 -27.01
C ARG A 444 -11.32 -4.54 -26.08
N LYS A 445 -12.52 -3.97 -26.12
CA LYS A 445 -13.63 -4.41 -25.29
C LYS A 445 -14.84 -3.55 -25.65
N GLY A 446 -15.44 -2.95 -24.64
CA GLY A 446 -16.58 -2.08 -24.86
C GLY A 446 -16.08 -0.71 -25.26
N ASP A 447 -15.05 -0.68 -26.09
CA ASP A 447 -14.46 0.57 -26.57
C ASP A 447 -15.59 1.55 -26.86
N GLU A 448 -15.38 2.82 -26.53
CA GLU A 448 -16.42 3.82 -26.75
C GLU A 448 -17.65 3.32 -26.01
N ASP A 449 -17.47 3.00 -24.73
CA ASP A 449 -18.57 2.48 -23.92
C ASP A 449 -19.94 2.98 -24.36
N ARG A 450 -20.60 2.20 -25.20
CA ARG A 450 -21.92 2.53 -25.70
C ARG A 450 -21.90 3.73 -26.65
N ILE A 451 -22.56 3.58 -27.79
CA ILE A 451 -22.65 4.65 -28.79
C ILE A 451 -24.11 4.94 -29.12
N LEU A 452 -24.58 6.12 -28.74
CA LEU A 452 -25.95 6.54 -28.96
C LEU A 452 -26.17 7.04 -30.38
N PRO A 453 -27.35 6.76 -30.95
CA PRO A 453 -27.66 7.20 -32.31
C PRO A 453 -28.03 8.67 -32.39
N ALA A 454 -28.51 9.06 -33.57
CA ALA A 454 -28.91 10.44 -33.81
C ALA A 454 -30.34 10.66 -33.38
N VAL A 455 -30.52 11.53 -32.40
CA VAL A 455 -31.84 11.86 -31.88
C VAL A 455 -31.86 13.26 -31.32
N ASN A 456 -32.94 13.98 -31.61
CA ASN A 456 -33.10 15.34 -31.13
C ASN A 456 -34.23 15.40 -30.13
N LYS A 457 -34.24 16.47 -29.34
CA LYS A 457 -35.29 16.68 -28.36
C LYS A 457 -36.63 16.58 -29.09
N GLY A 458 -37.62 16.00 -28.43
CA GLY A 458 -38.93 15.87 -29.04
C GLY A 458 -39.15 14.70 -29.98
N ASP A 459 -38.08 13.98 -30.34
CA ASP A 459 -38.21 12.85 -31.24
C ASP A 459 -39.00 11.69 -30.59
N ALA A 460 -39.72 10.94 -31.42
CA ALA A 460 -40.50 9.82 -30.95
C ALA A 460 -39.76 8.48 -31.09
N LEU A 461 -39.77 7.69 -30.02
CA LEU A 461 -39.11 6.39 -30.01
C LEU A 461 -40.20 5.32 -30.03
N THR A 462 -39.94 4.20 -30.71
CA THR A 462 -40.89 3.09 -30.79
C THR A 462 -40.44 1.98 -29.85
N LEU A 463 -41.32 1.55 -28.95
CA LEU A 463 -40.94 0.47 -28.02
C LEU A 463 -40.88 -0.83 -28.79
N VAL A 464 -39.78 -1.56 -28.62
CA VAL A 464 -39.63 -2.83 -29.31
C VAL A 464 -39.67 -3.97 -28.33
N GLU A 465 -39.12 -3.75 -27.15
CA GLU A 465 -39.06 -4.81 -26.18
C GLU A 465 -38.68 -4.32 -24.79
N LEU A 466 -39.34 -4.85 -23.77
CA LEU A 466 -39.05 -4.49 -22.39
C LEU A 466 -38.36 -5.69 -21.76
N THR A 467 -37.35 -5.43 -20.93
CA THR A 467 -36.59 -6.50 -20.31
C THR A 467 -36.29 -6.23 -18.85
N PRO A 468 -37.10 -6.79 -17.94
CA PRO A 468 -36.86 -6.58 -16.52
C PRO A 468 -35.78 -7.57 -16.06
N ALA A 469 -35.04 -7.21 -15.02
CA ALA A 469 -33.99 -8.08 -14.50
C ALA A 469 -33.95 -8.03 -12.98
N GLN A 470 -33.75 -9.19 -12.38
CA GLN A 470 -33.69 -9.27 -10.93
C GLN A 470 -32.27 -9.28 -10.42
N HIS A 471 -32.03 -8.49 -9.38
CA HIS A 471 -30.71 -8.41 -8.77
C HIS A 471 -30.82 -8.52 -7.26
N PHE A 472 -29.68 -8.55 -6.60
CA PHE A 472 -29.62 -8.64 -5.15
C PHE A 472 -28.37 -7.93 -4.66
N THR A 473 -28.53 -7.10 -3.63
CA THR A 473 -27.39 -6.36 -3.07
C THR A 473 -26.32 -7.37 -2.66
N LYS A 474 -25.05 -7.03 -2.92
CA LYS A 474 -23.95 -7.91 -2.57
C LYS A 474 -23.30 -7.53 -1.24
N PRO A 475 -22.66 -8.50 -0.58
CA PRO A 475 -21.99 -8.24 0.70
C PRO A 475 -20.64 -7.57 0.46
N PRO A 476 -20.05 -6.94 1.48
CA PRO A 476 -18.75 -6.26 1.34
C PRO A 476 -17.66 -7.19 0.81
N ALA A 477 -16.85 -6.69 -0.10
CA ALA A 477 -15.77 -7.48 -0.67
C ALA A 477 -14.80 -7.93 0.43
N ARG A 478 -14.12 -9.05 0.19
CA ARG A 478 -13.14 -9.56 1.14
C ARG A 478 -11.80 -8.87 0.87
N PHE A 479 -11.13 -8.45 1.93
CA PHE A 479 -9.85 -7.79 1.79
C PHE A 479 -8.89 -8.60 0.92
N SER A 480 -8.01 -7.90 0.22
CA SER A 480 -6.97 -8.56 -0.57
C SER A 480 -5.71 -8.17 0.18
N GLU A 481 -4.58 -8.80 -0.11
CA GLU A 481 -3.36 -8.42 0.58
C GLU A 481 -3.11 -6.93 0.37
N ALA A 482 -3.30 -6.48 -0.87
CA ALA A 482 -3.08 -5.09 -1.23
C ALA A 482 -4.16 -4.11 -0.75
N SER A 483 -5.44 -4.48 -0.90
CA SER A 483 -6.49 -3.57 -0.47
C SER A 483 -6.64 -3.54 1.04
N LEU A 484 -5.81 -4.31 1.73
CA LEU A 484 -5.82 -4.34 3.18
C LEU A 484 -4.76 -3.31 3.56
N VAL A 485 -3.70 -3.28 2.77
CA VAL A 485 -2.62 -2.33 2.98
C VAL A 485 -3.28 -0.98 2.75
N LYS A 486 -4.17 -0.96 1.77
CA LYS A 486 -4.90 0.24 1.43
C LYS A 486 -5.69 0.68 2.66
N GLU A 487 -6.42 -0.25 3.25
CA GLU A 487 -7.21 0.05 4.44
C GLU A 487 -6.28 0.45 5.57
N LEU A 488 -5.15 -0.23 5.67
CA LEU A 488 -4.17 0.09 6.71
C LEU A 488 -3.62 1.51 6.48
N GLU A 489 -3.41 1.86 5.23
CA GLU A 489 -2.89 3.19 4.88
C GLU A 489 -3.92 4.25 5.26
N LYS A 490 -5.14 4.09 4.76
CA LYS A 490 -6.21 5.04 5.05
C LYS A 490 -6.35 5.31 6.56
N ARG A 491 -6.16 4.28 7.37
CA ARG A 491 -6.29 4.45 8.81
C ARG A 491 -4.99 4.94 9.47
N GLY A 492 -3.95 5.15 8.67
CA GLY A 492 -2.70 5.63 9.20
C GLY A 492 -2.00 4.61 10.11
N ILE A 493 -2.32 3.34 9.90
CA ILE A 493 -1.73 2.28 10.70
C ILE A 493 -0.46 1.72 10.09
N GLY A 494 -0.45 1.51 8.78
CA GLY A 494 0.75 0.97 8.17
C GLY A 494 1.97 1.87 8.15
N ARG A 495 2.84 1.60 7.20
CA ARG A 495 4.07 2.35 6.98
C ARG A 495 4.74 1.65 5.82
N PRO A 496 5.16 2.41 4.81
CA PRO A 496 5.82 1.82 3.63
C PRO A 496 6.76 0.66 3.96
N SER A 497 7.58 0.84 4.97
CA SER A 497 8.55 -0.18 5.37
C SER A 497 7.99 -1.34 6.17
N THR A 498 6.71 -1.29 6.52
CA THR A 498 6.12 -2.37 7.30
C THR A 498 4.92 -3.04 6.63
N TYR A 499 4.31 -2.41 5.64
CA TYR A 499 3.14 -3.00 4.99
C TYR A 499 3.36 -4.46 4.62
N ALA A 500 4.47 -4.73 3.95
CA ALA A 500 4.82 -6.07 3.50
C ALA A 500 4.91 -7.06 4.66
N SER A 501 5.75 -6.74 5.64
CA SER A 501 5.93 -7.60 6.81
C SER A 501 4.60 -7.83 7.53
N ILE A 502 3.85 -6.75 7.75
CA ILE A 502 2.55 -6.88 8.41
C ILE A 502 1.70 -7.92 7.69
N ILE A 503 1.53 -7.73 6.39
CA ILE A 503 0.73 -8.62 5.59
C ILE A 503 1.11 -10.10 5.67
N SER A 504 2.40 -10.40 5.64
CA SER A 504 2.83 -11.79 5.71
C SER A 504 2.97 -12.30 7.14
N THR A 505 3.22 -11.38 8.05
CA THR A 505 3.42 -11.74 9.44
C THR A 505 2.14 -12.08 10.20
N ILE A 506 0.98 -11.88 9.58
CA ILE A 506 -0.30 -12.21 10.22
C ILE A 506 -0.88 -13.47 9.55
N GLN A 507 -0.13 -14.01 8.60
CA GLN A 507 -0.62 -15.15 7.82
C GLN A 507 -0.31 -16.57 8.26
N ASP A 508 0.88 -16.81 8.76
CA ASP A 508 1.18 -18.18 9.13
C ASP A 508 1.07 -18.43 10.62
N ARG A 509 0.19 -17.67 11.25
CA ARG A 509 -0.03 -17.78 12.68
C ARG A 509 -1.41 -18.31 13.02
N GLY A 510 -2.17 -18.67 11.99
CA GLY A 510 -3.49 -19.25 12.19
C GLY A 510 -4.63 -18.30 12.49
N TYR A 511 -4.44 -17.01 12.18
CA TYR A 511 -5.48 -16.01 12.42
C TYR A 511 -6.27 -15.71 11.16
N VAL A 512 -5.57 -15.65 10.04
CA VAL A 512 -6.19 -15.37 8.76
C VAL A 512 -5.44 -16.15 7.69
N ARG A 513 -6.08 -16.36 6.54
CA ARG A 513 -5.46 -17.09 5.44
C ARG A 513 -5.89 -16.46 4.13
N VAL A 514 -5.10 -16.71 3.09
CA VAL A 514 -5.39 -16.18 1.77
C VAL A 514 -5.86 -17.30 0.87
N GLU A 515 -7.14 -17.28 0.51
CA GLU A 515 -7.69 -18.30 -0.37
C GLU A 515 -8.30 -17.62 -1.60
N ASN A 516 -7.95 -18.12 -2.77
CA ASN A 516 -8.46 -17.54 -4.02
C ASN A 516 -8.05 -16.07 -4.02
N ARG A 517 -6.82 -15.84 -3.54
CA ARG A 517 -6.24 -14.52 -3.47
C ARG A 517 -6.95 -13.58 -2.49
N ARG A 518 -7.83 -14.13 -1.66
CA ARG A 518 -8.58 -13.34 -0.69
C ARG A 518 -8.34 -13.72 0.77
N PHE A 519 -8.60 -12.77 1.67
CA PHE A 519 -8.41 -12.98 3.10
C PHE A 519 -9.64 -13.58 3.77
N TYR A 520 -9.40 -14.59 4.59
CA TYR A 520 -10.46 -15.25 5.35
C TYR A 520 -10.01 -15.30 6.79
N ALA A 521 -10.87 -14.88 7.71
CA ALA A 521 -10.53 -14.91 9.13
C ALA A 521 -10.76 -16.30 9.69
N GLU A 522 -9.77 -16.85 10.39
CA GLU A 522 -9.92 -18.17 11.00
C GLU A 522 -10.66 -17.98 12.33
N LYS A 523 -11.19 -19.07 12.85
CA LYS A 523 -11.91 -19.06 14.11
C LYS A 523 -10.94 -18.60 15.20
N MET A 524 -9.69 -19.06 15.12
CA MET A 524 -8.71 -18.69 16.12
C MET A 524 -8.41 -17.20 15.99
N GLY A 525 -8.53 -16.67 14.77
CA GLY A 525 -8.31 -15.26 14.58
C GLY A 525 -9.40 -14.48 15.31
N GLU A 526 -10.59 -15.05 15.39
CA GLU A 526 -11.67 -14.36 16.07
C GLU A 526 -11.56 -14.55 17.57
N ILE A 527 -11.22 -15.76 17.98
CA ILE A 527 -11.08 -16.07 19.40
C ILE A 527 -10.06 -15.15 20.07
N VAL A 528 -8.92 -14.95 19.42
CA VAL A 528 -7.87 -14.10 19.97
C VAL A 528 -8.24 -12.62 19.85
N THR A 529 -8.84 -12.23 18.74
CA THR A 529 -9.24 -10.84 18.57
C THR A 529 -10.23 -10.37 19.63
N ASP A 530 -11.21 -11.21 19.97
CA ASP A 530 -12.16 -10.80 21.00
C ASP A 530 -11.43 -10.70 22.35
N ARG A 531 -10.57 -11.67 22.65
CA ARG A 531 -9.82 -11.63 23.90
C ARG A 531 -9.03 -10.34 24.04
N LEU A 532 -8.24 -10.03 23.01
CA LEU A 532 -7.44 -8.82 23.01
C LEU A 532 -8.30 -7.57 23.12
N GLU A 533 -9.38 -7.47 22.34
CA GLU A 533 -10.24 -6.30 22.43
C GLU A 533 -10.79 -6.13 23.83
N GLU A 534 -11.05 -7.25 24.50
CA GLU A 534 -11.62 -7.24 25.83
C GLU A 534 -10.63 -6.85 26.93
N ASN A 535 -9.42 -7.38 26.86
CA ASN A 535 -8.40 -7.11 27.87
C ASN A 535 -7.23 -6.21 27.47
N PHE A 536 -7.20 -5.79 26.21
CA PHE A 536 -6.15 -4.91 25.70
C PHE A 536 -6.80 -3.91 24.75
N ARG A 537 -7.80 -3.21 25.25
CA ARG A 537 -8.53 -2.24 24.45
C ARG A 537 -7.68 -1.19 23.75
N GLU A 538 -6.86 -0.47 24.51
CA GLU A 538 -6.03 0.57 23.93
C GLU A 538 -5.11 0.02 22.85
N LEU A 539 -4.51 -1.13 23.12
CA LEU A 539 -3.60 -1.74 22.15
C LEU A 539 -4.31 -2.09 20.84
N MET A 540 -5.58 -2.48 20.92
CA MET A 540 -6.33 -2.85 19.72
C MET A 540 -7.10 -1.71 19.03
N ASN A 541 -7.16 -0.55 19.69
CA ASN A 541 -7.86 0.61 19.15
C ASN A 541 -7.14 1.13 17.90
N TYR A 542 -7.88 1.46 16.85
CA TYR A 542 -7.25 1.95 15.61
C TYR A 542 -6.60 3.33 15.76
N ASP A 543 -7.30 4.28 16.35
CA ASP A 543 -6.74 5.61 16.51
C ASP A 543 -5.45 5.61 17.33
N PHE A 544 -5.43 4.85 18.43
CA PHE A 544 -4.23 4.79 19.27
C PHE A 544 -3.07 4.18 18.50
N THR A 545 -3.37 3.18 17.69
CA THR A 545 -2.34 2.53 16.92
C THR A 545 -1.80 3.53 15.90
N ALA A 546 -2.68 4.37 15.36
CA ALA A 546 -2.25 5.37 14.39
C ALA A 546 -1.45 6.46 15.14
N GLN A 547 -1.94 6.83 16.31
CA GLN A 547 -1.28 7.84 17.11
C GLN A 547 0.15 7.40 17.45
N MET A 548 0.38 6.10 17.60
CA MET A 548 1.72 5.63 17.93
C MET A 548 2.68 5.89 16.79
N GLU A 549 2.16 5.87 15.56
CA GLU A 549 3.00 6.12 14.40
C GLU A 549 3.40 7.59 14.44
N ASN A 550 2.47 8.45 14.85
CA ASN A 550 2.77 9.88 14.96
C ASN A 550 3.83 10.04 16.03
N SER A 551 3.64 9.35 17.15
CA SER A 551 4.59 9.45 18.22
C SER A 551 5.97 9.03 17.73
N LEU A 552 6.01 8.02 16.87
CA LEU A 552 7.30 7.56 16.34
C LEU A 552 7.89 8.61 15.40
N ASP A 553 7.04 9.33 14.67
CA ASP A 553 7.54 10.38 13.80
C ASP A 553 8.10 11.54 14.63
N GLN A 554 7.48 11.78 15.77
CA GLN A 554 7.90 12.84 16.67
C GLN A 554 9.30 12.55 17.23
N VAL A 555 9.57 11.28 17.53
CA VAL A 555 10.90 10.91 18.02
C VAL A 555 11.93 11.19 16.93
N ALA A 556 11.63 10.72 15.71
CA ALA A 556 12.50 10.90 14.56
C ALA A 556 12.79 12.36 14.25
N ASN A 557 11.84 13.24 14.57
CA ASN A 557 11.99 14.66 14.29
C ASN A 557 12.37 15.51 15.50
N HIS A 558 12.95 14.86 16.51
CA HIS A 558 13.38 15.53 17.73
C HIS A 558 12.26 16.34 18.40
N GLU A 559 11.06 15.78 18.42
CA GLU A 559 9.93 16.44 19.05
C GLU A 559 9.44 15.59 20.21
N ALA A 560 10.15 14.50 20.46
CA ALA A 560 9.84 13.57 21.55
C ALA A 560 11.09 12.74 21.79
N GLU A 561 11.34 12.36 23.05
CA GLU A 561 12.52 11.56 23.43
C GLU A 561 12.07 10.09 23.45
N TRP A 562 12.83 9.20 22.80
CA TRP A 562 12.39 7.81 22.69
C TRP A 562 12.09 7.02 23.95
N LYS A 563 12.90 7.18 24.99
CA LYS A 563 12.66 6.43 26.21
C LYS A 563 11.41 6.86 26.95
N ALA A 564 11.11 8.16 26.92
CA ALA A 564 9.93 8.71 27.58
C ALA A 564 8.70 8.20 26.82
N VAL A 565 8.83 8.09 25.51
CA VAL A 565 7.74 7.59 24.68
C VAL A 565 7.54 6.11 24.97
N LEU A 566 8.64 5.39 25.19
CA LEU A 566 8.57 3.97 25.52
C LEU A 566 8.05 3.79 26.94
N ASP A 567 8.44 4.67 27.86
CA ASP A 567 7.97 4.55 29.24
C ASP A 567 6.46 4.69 29.25
N HIS A 568 5.95 5.70 28.56
CA HIS A 568 4.51 5.93 28.52
C HIS A 568 3.80 4.74 27.91
N PHE A 569 4.34 4.24 26.80
CA PHE A 569 3.76 3.07 26.15
C PHE A 569 3.74 1.90 27.13
N PHE A 570 4.84 1.69 27.84
CA PHE A 570 4.94 0.58 28.77
C PHE A 570 4.01 0.72 29.94
N SER A 571 3.91 1.94 30.46
CA SER A 571 3.02 2.20 31.58
C SER A 571 1.61 1.74 31.19
N ASP A 572 1.15 2.20 30.03
CA ASP A 572 -0.18 1.82 29.54
C ASP A 572 -0.27 0.32 29.28
N PHE A 573 0.79 -0.26 28.74
CA PHE A 573 0.78 -1.68 28.43
C PHE A 573 0.68 -2.58 29.65
N THR A 574 1.47 -2.29 30.68
CA THR A 574 1.45 -3.11 31.87
C THR A 574 0.18 -3.00 32.68
N GLN A 575 -0.50 -1.85 32.65
CA GLN A 575 -1.74 -1.78 33.40
C GLN A 575 -2.74 -2.72 32.72
N GLN A 576 -2.69 -2.77 31.38
CA GLN A 576 -3.58 -3.65 30.62
C GLN A 576 -3.23 -5.10 30.96
N LEU A 577 -1.95 -5.43 30.81
CA LEU A 577 -1.47 -6.78 31.08
C LEU A 577 -1.79 -7.37 32.45
N ASP A 578 -1.49 -6.64 33.53
CA ASP A 578 -1.76 -7.16 34.86
C ASP A 578 -3.23 -7.48 35.03
N LYS A 579 -4.07 -6.60 34.48
CA LYS A 579 -5.51 -6.76 34.55
C LYS A 579 -5.96 -8.03 33.81
N ALA A 580 -5.33 -8.31 32.67
CA ALA A 580 -5.67 -9.46 31.87
C ALA A 580 -5.23 -10.77 32.53
N GLU A 581 -4.10 -10.68 33.23
CA GLU A 581 -3.51 -11.82 33.92
C GLU A 581 -4.39 -12.40 35.02
N LYS A 582 -5.21 -11.56 35.62
CA LYS A 582 -6.10 -11.95 36.71
C LYS A 582 -7.12 -13.00 36.31
N ASP A 583 -7.79 -13.57 37.30
CA ASP A 583 -8.83 -14.56 37.04
C ASP A 583 -9.92 -13.81 36.28
N PRO A 584 -10.66 -14.51 35.41
CA PRO A 584 -11.72 -13.79 34.69
C PRO A 584 -12.78 -13.21 35.63
N GLU A 585 -12.91 -13.78 36.83
CA GLU A 585 -13.90 -13.27 37.79
C GLU A 585 -13.42 -11.97 38.41
N GLU A 586 -12.19 -11.57 38.08
CA GLU A 586 -11.60 -10.32 38.55
C GLU A 586 -11.49 -9.41 37.35
N GLY A 587 -12.00 -9.88 36.21
CA GLY A 587 -11.93 -9.08 35.00
C GLY A 587 -10.75 -9.46 34.14
N GLY A 588 -10.17 -10.63 34.39
CA GLY A 588 -9.04 -11.08 33.61
C GLY A 588 -9.48 -11.69 32.29
N MET A 589 -8.52 -12.06 31.45
CA MET A 589 -8.82 -12.65 30.16
C MET A 589 -9.62 -13.94 30.26
N ARG A 590 -10.67 -14.04 29.44
CA ARG A 590 -11.51 -15.23 29.41
C ARG A 590 -10.71 -16.39 28.84
N PRO A 591 -10.79 -17.55 29.48
CA PRO A 591 -10.04 -18.70 28.96
C PRO A 591 -10.84 -19.30 27.81
N ASN A 592 -10.15 -19.90 26.84
CA ASN A 592 -10.80 -20.51 25.69
C ASN A 592 -11.34 -21.88 26.08
N GLN A 593 -12.49 -21.89 26.72
CA GLN A 593 -13.10 -23.14 27.18
C GLN A 593 -14.62 -23.11 27.11
N MET A 594 -15.20 -24.30 27.27
CA MET A 594 -16.64 -24.51 27.27
C MET A 594 -16.89 -25.46 28.44
N VAL A 595 -17.52 -24.97 29.51
CA VAL A 595 -17.76 -25.79 30.70
C VAL A 595 -18.94 -26.76 30.69
N LEU A 596 -18.81 -27.82 31.50
CA LEU A 596 -19.80 -28.89 31.64
C LEU A 596 -21.24 -28.43 31.92
N THR A 597 -22.09 -29.40 32.24
CA THR A 597 -23.49 -29.18 32.54
C THR A 597 -23.63 -28.71 33.99
#